data_7ZGE
#
_entry.id   7ZGE
#
_cell.length_a   174.424
_cell.length_b   42.539
_cell.length_c   86.839
_cell.angle_alpha   90.000
_cell.angle_beta   102.744
_cell.angle_gamma   90.000
#
_symmetry.space_group_name_H-M   'C 1 2 1'
#
loop_
_entity.id
_entity.type
_entity.pdbx_description
1 polymer 'BrxA, BREX phage defence protein'
2 water water
#
_entity_poly.entity_id   1
_entity_poly.type   'polypeptide(L)'
_entity_poly.pdbx_seq_one_letter_code
;MNIKEYLGDLIGSSLLITESRIIAESLLKKLPEDEWKSLIVEQNVLQKKSGQTAIRYARTIRWRIEGLGDEFMTDLLAAS
ERAYIQMLMMSLLIHSPVVADFMRHTLAEARRTYKPALTADAWSEFYDTRVRAYAELGGFSDSTIKKMGNNAIKALVDSG
YLSDSRTKKIQPVYLMPEVKDWLVRLGREDLIEVMECTI
;
_entity_poly.pdbx_strand_id   A,B,C
#
# COMPACT_ATOMS: atom_id res chain seq x y z
N MET A 1 22.19 4.22 -9.80
CA MET A 1 21.15 4.92 -9.04
C MET A 1 21.42 6.41 -8.96
N ASN A 2 20.87 7.15 -9.91
CA ASN A 2 20.86 8.62 -9.84
C ASN A 2 19.56 9.04 -9.17
N ILE A 3 19.66 9.80 -8.07
CA ILE A 3 18.47 10.10 -7.27
C ILE A 3 17.43 10.87 -8.08
N LYS A 4 17.90 11.85 -8.86
CA LYS A 4 16.99 12.70 -9.63
C LYS A 4 16.29 11.92 -10.73
N GLU A 5 16.97 10.94 -11.33
CA GLU A 5 16.36 10.10 -12.36
C GLU A 5 15.38 9.11 -11.75
N TYR A 6 15.66 8.60 -10.55
CA TYR A 6 14.72 7.67 -9.93
C TYR A 6 13.49 8.40 -9.39
N LEU A 7 13.70 9.57 -8.76
CA LEU A 7 12.61 10.28 -8.07
C LEU A 7 11.86 11.23 -8.99
N GLY A 8 12.52 11.85 -9.96
CA GLY A 8 11.87 12.88 -10.74
C GLY A 8 11.68 14.09 -9.86
N ASP A 9 10.48 14.66 -9.91
CA ASP A 9 10.10 15.74 -9.02
C ASP A 9 8.87 15.34 -8.24
N LEU A 10 8.82 14.07 -7.84
CA LEU A 10 7.70 13.59 -7.05
C LEU A 10 7.62 14.32 -5.71
N ILE A 11 8.78 14.64 -5.13
CA ILE A 11 8.80 15.37 -3.86
C ILE A 11 7.99 16.65 -3.99
N GLY A 12 8.07 17.31 -5.14
CA GLY A 12 7.42 18.60 -5.29
C GLY A 12 6.04 18.56 -5.90
N SER A 13 5.69 17.55 -6.69
CA SER A 13 4.43 17.63 -7.42
C SER A 13 3.89 16.25 -7.75
N SER A 14 2.60 16.23 -8.08
CA SER A 14 1.86 15.04 -8.45
C SER A 14 1.61 15.08 -9.96
N LEU A 15 0.41 14.73 -10.41
CA LEU A 15 0.13 14.72 -11.84
C LEU A 15 0.16 16.11 -12.46
N LEU A 16 0.09 17.18 -11.65
CA LEU A 16 0.00 18.56 -12.12
C LEU A 16 -1.03 18.69 -13.25
N ILE A 17 -2.25 18.25 -12.95
CA ILE A 17 -3.29 18.15 -13.97
C ILE A 17 -3.63 19.54 -14.53
N THR A 18 -3.66 20.56 -13.66
CA THR A 18 -3.97 21.90 -14.13
C THR A 18 -2.80 22.50 -14.88
N GLU A 19 -1.65 22.65 -14.23
CA GLU A 19 -0.54 23.41 -14.81
C GLU A 19 0.00 22.78 -16.08
N SER A 20 -0.25 21.47 -16.29
CA SER A 20 0.31 20.79 -17.46
C SER A 20 -0.33 21.24 -18.76
N ARG A 21 -1.63 21.59 -18.77
CA ARG A 21 -2.25 22.09 -19.99
C ARG A 21 -1.62 23.43 -20.40
N ILE A 22 -1.51 24.35 -19.44
CA ILE A 22 -0.87 25.65 -19.69
C ILE A 22 0.52 25.44 -20.29
N ILE A 23 1.32 24.56 -19.67
CA ILE A 23 2.69 24.37 -20.15
C ILE A 23 2.68 23.67 -21.50
N ALA A 24 1.67 22.84 -21.77
CA ALA A 24 1.59 22.20 -23.08
C ALA A 24 1.36 23.22 -24.18
N GLU A 25 0.28 24.01 -24.06
CA GLU A 25 -0.01 25.04 -25.04
C GLU A 25 1.20 25.94 -25.29
N SER A 26 1.90 26.31 -24.22
CA SER A 26 3.04 27.21 -24.36
C SER A 26 4.18 26.57 -25.14
N LEU A 27 4.37 25.27 -24.97
CA LEU A 27 5.49 24.61 -25.63
C LEU A 27 5.25 24.48 -27.13
N LEU A 28 4.01 24.28 -27.55
CA LEU A 28 3.73 24.19 -28.98
C LEU A 28 3.78 25.53 -29.69
N LYS A 29 3.92 26.64 -28.97
CA LYS A 29 3.98 27.93 -29.64
C LYS A 29 5.39 28.28 -30.09
N LYS A 30 6.38 27.47 -29.73
CA LYS A 30 7.77 27.63 -30.16
C LYS A 30 8.28 29.05 -29.89
N LEU A 31 8.10 29.47 -28.65
CA LEU A 31 8.44 30.83 -28.28
C LEU A 31 9.93 30.97 -28.03
N PRO A 32 10.49 32.14 -28.34
CA PRO A 32 11.80 32.50 -27.77
C PRO A 32 11.74 32.38 -26.26
N GLU A 33 12.86 32.01 -25.65
CA GLU A 33 12.86 31.89 -24.21
C GLU A 33 13.03 33.23 -23.50
N ASP A 34 12.94 34.36 -24.24
CA ASP A 34 12.63 35.64 -23.63
C ASP A 34 11.18 35.50 -23.22
N GLU A 35 10.40 35.38 -24.28
CA GLU A 35 8.95 35.41 -24.21
C GLU A 35 8.43 34.28 -23.31
N TRP A 36 9.05 33.10 -23.40
CA TRP A 36 8.61 31.99 -22.58
C TRP A 36 8.92 32.23 -21.11
N LYS A 37 10.01 32.93 -20.80
CA LYS A 37 10.34 33.19 -19.40
C LYS A 37 9.41 34.24 -18.80
N SER A 38 9.16 35.35 -19.53
CA SER A 38 8.24 36.37 -19.03
C SER A 38 6.84 35.80 -18.79
N LEU A 39 6.42 34.85 -19.62
CA LEU A 39 5.13 34.22 -19.42
C LEU A 39 5.07 33.52 -18.07
N ILE A 40 6.20 33.00 -17.59
CA ILE A 40 6.25 32.20 -16.38
C ILE A 40 6.49 33.05 -15.13
N VAL A 41 7.49 33.95 -15.16
CA VAL A 41 7.90 34.67 -13.97
C VAL A 41 7.13 35.98 -13.90
N GLU A 42 7.34 36.84 -14.90
CA GLU A 42 6.71 38.16 -14.92
C GLU A 42 5.20 38.04 -14.99
N GLN A 43 4.68 37.46 -16.08
CA GLN A 43 3.25 37.31 -16.21
C GLN A 43 2.69 36.33 -15.17
N ASN A 44 3.45 35.28 -14.83
CA ASN A 44 3.13 34.32 -13.77
C ASN A 44 1.84 33.53 -14.05
N VAL A 45 1.79 32.90 -15.22
CA VAL A 45 0.59 32.16 -15.64
C VAL A 45 0.33 30.89 -14.81
N LEU A 46 1.29 30.44 -13.98
CA LEU A 46 1.09 29.26 -13.13
C LEU A 46 0.46 29.59 -11.79
N GLN A 47 0.30 30.88 -11.44
CA GLN A 47 -0.31 31.33 -10.18
C GLN A 47 0.56 30.95 -8.99
N LYS A 48 1.88 31.05 -9.14
CA LYS A 48 2.76 30.59 -8.07
C LYS A 48 3.10 31.74 -7.14
N LYS A 49 3.72 31.38 -6.02
CA LYS A 49 4.02 32.36 -4.97
C LYS A 49 5.35 33.05 -5.14
N SER A 50 6.28 32.48 -5.92
CA SER A 50 7.57 33.13 -6.14
C SER A 50 8.05 32.87 -7.55
N GLY A 51 8.95 33.76 -8.02
CA GLY A 51 9.57 33.58 -9.31
C GLY A 51 10.23 32.23 -9.49
N GLN A 52 10.84 31.68 -8.43
CA GLN A 52 11.53 30.40 -8.61
C GLN A 52 10.57 29.22 -8.58
N THR A 53 9.54 29.27 -7.72
CA THR A 53 8.55 28.19 -7.73
C THR A 53 7.76 28.16 -9.03
N ALA A 54 7.54 29.33 -9.63
CA ALA A 54 6.97 29.39 -10.99
C ALA A 54 7.86 28.61 -11.97
N ILE A 55 9.17 28.74 -11.83
CA ILE A 55 10.10 28.04 -12.71
C ILE A 55 10.19 26.57 -12.33
N ARG A 56 10.18 26.27 -11.03
CA ARG A 56 10.25 24.88 -10.55
C ARG A 56 9.16 24.04 -11.21
N TYR A 57 7.91 24.51 -11.17
CA TYR A 57 6.83 23.75 -11.77
C TYR A 57 6.96 23.69 -13.29
N ALA A 58 7.39 24.79 -13.91
CA ALA A 58 7.55 24.79 -15.37
C ALA A 58 8.66 23.84 -15.80
N ARG A 59 9.78 23.83 -15.08
CA ARG A 59 10.85 22.86 -15.33
C ARG A 59 10.32 21.44 -15.34
N THR A 60 9.44 21.13 -14.38
CA THR A 60 9.03 19.76 -14.14
C THR A 60 8.10 19.28 -15.25
N ILE A 61 7.16 20.11 -15.68
CA ILE A 61 6.27 19.65 -16.76
C ILE A 61 7.05 19.58 -18.06
N ARG A 62 8.09 20.40 -18.19
CA ARG A 62 8.92 20.40 -19.39
C ARG A 62 9.72 19.11 -19.49
N TRP A 63 10.40 18.74 -18.41
CA TRP A 63 11.15 17.50 -18.41
C TRP A 63 10.25 16.29 -18.60
N ARG A 64 8.99 16.42 -18.20
CA ARG A 64 8.06 15.30 -18.27
C ARG A 64 7.47 15.13 -19.66
N ILE A 65 7.28 16.22 -20.38
CA ILE A 65 6.38 16.28 -21.52
C ILE A 65 7.11 16.65 -22.80
N GLU A 66 8.11 17.53 -22.72
CA GLU A 66 8.71 18.05 -23.94
C GLU A 66 9.51 16.97 -24.68
N GLY A 67 10.30 16.18 -23.96
CA GLY A 67 11.10 15.15 -24.59
C GLY A 67 10.31 14.04 -25.26
N LEU A 68 9.08 13.81 -24.83
CA LEU A 68 8.21 12.96 -25.62
C LEU A 68 7.88 13.66 -26.93
N GLY A 69 7.01 13.08 -27.73
CA GLY A 69 6.64 13.72 -28.98
C GLY A 69 6.25 15.19 -28.88
N ASP A 70 6.69 15.97 -29.87
CA ASP A 70 5.98 17.22 -30.15
C ASP A 70 4.59 16.92 -30.65
N GLU A 71 4.40 15.72 -31.21
CA GLU A 71 3.09 15.19 -31.54
C GLU A 71 2.38 14.65 -30.31
N PHE A 72 3.14 14.23 -29.30
CA PHE A 72 2.52 13.79 -28.05
C PHE A 72 1.72 14.93 -27.43
N MET A 73 2.34 16.09 -27.31
CA MET A 73 1.71 17.22 -26.66
C MET A 73 0.42 17.61 -27.36
N THR A 74 0.36 17.37 -28.67
CA THR A 74 -0.86 17.66 -29.42
C THR A 74 -2.00 16.74 -28.98
N ASP A 75 -1.74 15.44 -28.92
CA ASP A 75 -2.79 14.52 -28.51
C ASP A 75 -3.12 14.71 -27.04
N LEU A 76 -2.12 15.09 -26.25
CA LEU A 76 -2.34 15.40 -24.84
C LEU A 76 -3.39 16.50 -24.68
N LEU A 77 -3.20 17.61 -25.40
CA LEU A 77 -4.14 18.71 -25.32
C LEU A 77 -5.46 18.37 -25.99
N ALA A 78 -5.45 17.44 -26.95
CA ALA A 78 -6.63 17.06 -27.70
C ALA A 78 -7.44 15.97 -27.04
N ALA A 79 -7.00 15.44 -25.92
CA ALA A 79 -7.56 14.18 -25.43
C ALA A 79 -8.78 14.42 -24.56
N SER A 80 -9.56 13.37 -24.38
CA SER A 80 -10.58 13.35 -23.36
C SER A 80 -9.96 13.53 -21.98
N GLU A 81 -10.82 13.74 -20.97
CA GLU A 81 -10.31 13.98 -19.61
C GLU A 81 -9.55 12.78 -19.07
N ARG A 82 -10.09 11.58 -19.22
CA ARG A 82 -9.32 10.53 -18.59
C ARG A 82 -8.15 10.07 -19.44
N ALA A 83 -8.22 10.22 -20.78
CA ALA A 83 -7.02 10.05 -21.59
C ALA A 83 -5.98 11.10 -21.24
N TYR A 84 -6.43 12.32 -20.95
CA TYR A 84 -5.52 13.36 -20.49
C TYR A 84 -4.84 12.92 -19.18
N ILE A 85 -5.63 12.39 -18.24
CA ILE A 85 -5.09 11.93 -16.97
C ILE A 85 -4.22 10.68 -17.17
N GLN A 86 -4.65 9.75 -18.00
CA GLN A 86 -3.83 8.56 -18.26
C GLN A 86 -2.49 8.95 -18.86
N MET A 87 -2.51 9.82 -19.88
CA MET A 87 -1.28 10.27 -20.52
C MET A 87 -0.36 10.99 -19.52
N LEU A 88 -0.95 11.72 -18.57
CA LEU A 88 -0.16 12.38 -17.54
C LEU A 88 0.42 11.35 -16.59
N MET A 89 -0.39 10.35 -16.25
CA MET A 89 0.05 9.23 -15.42
C MET A 89 1.17 8.45 -16.12
N MET A 90 0.97 8.12 -17.40
CA MET A 90 2.05 7.54 -18.21
C MET A 90 3.33 8.37 -18.13
N SER A 91 3.26 9.67 -18.35
CA SER A 91 4.51 10.42 -18.31
C SER A 91 5.05 10.52 -16.88
N LEU A 92 4.17 10.51 -15.87
CA LEU A 92 4.67 10.45 -14.50
C LEU A 92 5.49 9.18 -14.30
N LEU A 93 4.95 8.04 -14.72
CA LEU A 93 5.63 6.76 -14.51
C LEU A 93 7.00 6.76 -15.20
N ILE A 94 7.07 7.32 -16.41
CA ILE A 94 8.35 7.44 -17.11
C ILE A 94 9.31 8.33 -16.33
N HIS A 95 8.83 9.48 -15.86
CA HIS A 95 9.73 10.48 -15.29
C HIS A 95 10.05 10.22 -13.81
N SER A 96 9.14 9.59 -13.07
CA SER A 96 9.37 9.16 -11.69
C SER A 96 9.16 7.65 -11.59
N PRO A 97 10.17 6.84 -11.98
CA PRO A 97 9.99 5.39 -11.93
C PRO A 97 9.61 4.83 -10.57
N VAL A 98 9.96 5.52 -9.46
CA VAL A 98 9.51 5.10 -8.12
C VAL A 98 8.02 4.81 -8.12
N VAL A 99 7.24 5.61 -8.84
CA VAL A 99 5.80 5.36 -8.81
C VAL A 99 5.50 4.02 -9.49
N ALA A 100 6.16 3.74 -10.62
CA ALA A 100 6.04 2.44 -11.25
C ALA A 100 6.43 1.32 -10.29
N ASP A 101 7.60 1.45 -9.65
CA ASP A 101 8.04 0.44 -8.71
C ASP A 101 7.04 0.25 -7.59
N PHE A 102 6.54 1.36 -7.04
CA PHE A 102 5.53 1.29 -5.99
C PHE A 102 4.31 0.52 -6.45
N MET A 103 3.86 0.78 -7.69
CA MET A 103 2.70 0.04 -8.18
C MET A 103 3.00 -1.46 -8.34
N ARG A 104 4.23 -1.83 -8.74
CA ARG A 104 4.53 -3.27 -8.87
C ARG A 104 4.67 -3.90 -7.50
N HIS A 105 5.37 -3.22 -6.60
CA HIS A 105 5.69 -3.81 -5.30
C HIS A 105 4.47 -3.83 -4.37
N THR A 106 3.56 -2.86 -4.49
CA THR A 106 2.49 -2.69 -3.51
C THR A 106 1.10 -2.88 -4.08
N LEU A 107 0.69 -2.15 -5.12
CA LEU A 107 -0.68 -2.37 -5.63
C LEU A 107 -0.87 -3.76 -6.20
N ALA A 108 0.06 -4.22 -7.05
CA ALA A 108 -0.11 -5.53 -7.69
C ALA A 108 -0.11 -6.63 -6.64
N GLU A 109 0.83 -6.55 -5.70
CA GLU A 109 0.87 -7.50 -4.60
C GLU A 109 -0.43 -7.46 -3.81
N ALA A 110 -1.00 -6.28 -3.65
CA ALA A 110 -2.27 -6.19 -2.94
C ALA A 110 -3.39 -6.84 -3.74
N ARG A 111 -3.46 -6.58 -5.04
CA ARG A 111 -4.53 -7.20 -5.83
C ARG A 111 -4.32 -8.71 -5.99
N ARG A 112 -3.08 -9.17 -6.14
CA ARG A 112 -2.82 -10.59 -6.29
C ARG A 112 -3.09 -11.36 -5.00
N THR A 113 -3.05 -10.68 -3.87
CA THR A 113 -3.23 -11.30 -2.57
C THR A 113 -4.63 -11.05 -2.01
N TYR A 114 -5.51 -10.43 -2.82
CA TYR A 114 -6.91 -10.19 -2.49
C TYR A 114 -7.11 -9.21 -1.32
N LYS A 115 -6.15 -8.32 -1.07
CA LYS A 115 -6.39 -7.22 -0.12
C LYS A 115 -7.23 -6.13 -0.78
N PRO A 116 -8.36 -5.74 -0.20
CA PRO A 116 -9.21 -4.72 -0.86
C PRO A 116 -8.65 -3.31 -0.79
N ALA A 117 -7.58 -3.08 -0.04
CA ALA A 117 -7.09 -1.73 0.18
C ALA A 117 -5.63 -1.76 0.58
N LEU A 118 -4.95 -0.64 0.37
CA LEU A 118 -3.63 -0.41 0.90
C LEU A 118 -3.70 0.12 2.34
N THR A 119 -2.62 -0.07 3.10
CA THR A 119 -2.54 0.48 4.45
C THR A 119 -1.85 1.84 4.44
N ALA A 120 -1.98 2.54 5.56
CA ALA A 120 -1.49 3.91 5.60
C ALA A 120 0.02 3.96 5.47
N ASP A 121 0.72 2.91 5.92
CA ASP A 121 2.16 2.90 5.80
C ASP A 121 2.65 2.05 4.65
N ALA A 122 1.80 1.83 3.64
CA ALA A 122 2.22 1.11 2.44
C ALA A 122 3.41 1.82 1.78
N TRP A 123 3.31 3.13 1.60
CA TRP A 123 4.38 3.88 0.94
C TRP A 123 5.69 3.78 1.71
N SER A 124 5.65 3.96 3.03
CA SER A 124 6.88 3.96 3.82
C SER A 124 7.52 2.59 3.85
N GLU A 125 6.71 1.53 3.97
CA GLU A 125 7.26 0.19 3.82
C GLU A 125 7.98 0.07 2.50
N PHE A 126 7.32 0.53 1.42
CA PHE A 126 7.93 0.41 0.11
C PHE A 126 9.19 1.25 0.03
N TYR A 127 9.16 2.46 0.59
CA TYR A 127 10.33 3.33 0.45
C TYR A 127 11.52 2.78 1.21
N ASP A 128 11.28 2.14 2.37
CA ASP A 128 12.37 1.53 3.11
C ASP A 128 13.06 0.46 2.30
N THR A 129 12.28 -0.39 1.63
CA THR A 129 12.80 -1.29 0.61
C THR A 129 13.82 -0.59 -0.26
N ARG A 130 13.41 0.55 -0.82
CA ARG A 130 14.26 1.23 -1.78
C ARG A 130 15.50 1.83 -1.13
N VAL A 131 15.42 2.25 0.13
CA VAL A 131 16.61 2.81 0.77
C VAL A 131 17.63 1.72 1.08
N ARG A 132 17.17 0.58 1.62
CA ARG A 132 18.04 -0.59 1.71
C ARG A 132 18.76 -0.92 0.41
N ALA A 133 18.08 -0.83 -0.72
CA ALA A 133 18.78 -1.19 -1.95
C ALA A 133 19.72 -0.08 -2.41
N TYR A 134 19.36 1.18 -2.22
CA TYR A 134 20.18 2.31 -2.67
C TYR A 134 20.24 3.32 -1.53
N ALA A 135 21.37 3.33 -0.82
CA ALA A 135 21.45 4.06 0.44
C ALA A 135 21.30 5.57 0.26
N GLU A 136 21.62 6.10 -0.92
CA GLU A 136 21.45 7.54 -1.06
C GLU A 136 19.99 7.96 -1.09
N LEU A 137 19.06 7.01 -1.24
CA LEU A 137 17.64 7.35 -1.22
C LEU A 137 17.16 7.81 0.16
N GLY A 138 17.96 7.65 1.21
CA GLY A 138 17.53 8.03 2.54
C GLY A 138 18.23 9.24 3.11
N GLY A 139 18.73 10.11 2.23
CA GLY A 139 19.37 11.33 2.69
C GLY A 139 18.41 12.50 2.79
N PHE A 140 17.15 12.20 3.08
CA PHE A 140 16.07 13.17 3.11
C PHE A 140 15.42 13.19 4.49
N SER A 141 14.86 14.35 4.85
CA SER A 141 13.98 14.44 6.00
C SER A 141 12.79 13.48 5.83
N ASP A 142 12.24 13.04 6.98
CA ASP A 142 11.06 12.17 6.92
C ASP A 142 9.92 12.85 6.18
N SER A 143 9.70 14.14 6.47
CA SER A 143 8.61 14.88 5.83
C SER A 143 8.73 14.88 4.31
N THR A 144 9.96 14.98 3.80
CA THR A 144 10.16 14.90 2.34
C THR A 144 9.64 13.59 1.82
N ILE A 145 10.05 12.48 2.44
CA ILE A 145 9.58 11.17 1.98
C ILE A 145 8.06 11.06 2.09
N LYS A 146 7.49 11.61 3.16
CA LYS A 146 6.04 11.56 3.28
C LYS A 146 5.35 12.40 2.20
N LYS A 147 5.85 13.60 1.94
CA LYS A 147 5.29 14.41 0.86
C LYS A 147 5.41 13.69 -0.48
N MET A 148 6.56 13.04 -0.71
CA MET A 148 6.75 12.24 -1.91
C MET A 148 5.65 11.19 -2.03
N GLY A 149 5.37 10.49 -0.92
CA GLY A 149 4.34 9.46 -0.96
C GLY A 149 2.95 10.00 -1.23
N ASN A 150 2.58 11.11 -0.56
CA ASN A 150 1.29 11.76 -0.79
C ASN A 150 1.12 12.11 -2.25
N ASN A 151 2.20 12.57 -2.89
CA ASN A 151 2.13 12.88 -4.31
C ASN A 151 1.90 11.61 -5.13
N ALA A 152 2.58 10.52 -4.76
CA ALA A 152 2.33 9.23 -5.41
C ALA A 152 0.88 8.77 -5.21
N ILE A 153 0.38 8.84 -3.97
CA ILE A 153 -0.99 8.38 -3.74
C ILE A 153 -1.99 9.21 -4.53
N LYS A 154 -1.81 10.54 -4.54
CA LYS A 154 -2.77 11.41 -5.21
C LYS A 154 -2.85 11.10 -6.70
N ALA A 155 -1.68 10.88 -7.31
CA ALA A 155 -1.60 10.43 -8.70
C ALA A 155 -2.39 9.13 -8.89
N LEU A 156 -2.23 8.18 -7.96
CA LEU A 156 -2.94 6.91 -8.11
C LEU A 156 -4.43 7.08 -7.88
N VAL A 157 -4.82 7.99 -6.95
CA VAL A 157 -6.22 8.40 -6.80
C VAL A 157 -6.72 9.08 -8.05
N ASP A 158 -6.03 10.17 -8.46
CA ASP A 158 -6.45 10.92 -9.64
C ASP A 158 -6.64 10.03 -10.86
N SER A 159 -5.72 9.08 -11.11
CA SER A 159 -5.84 8.31 -12.35
C SER A 159 -6.71 7.06 -12.21
N GLY A 160 -7.28 6.80 -11.03
CA GLY A 160 -8.34 5.82 -10.88
C GLY A 160 -7.98 4.48 -10.23
N TYR A 161 -6.75 4.32 -9.72
CA TYR A 161 -6.36 3.04 -9.09
C TYR A 161 -6.83 2.95 -7.64
N LEU A 162 -7.02 4.08 -6.98
CA LEU A 162 -7.42 4.14 -5.58
C LEU A 162 -8.63 5.02 -5.43
N SER A 163 -9.62 4.54 -4.67
CA SER A 163 -10.87 5.28 -4.46
C SER A 163 -10.64 6.68 -3.91
N ASP A 164 -9.66 6.82 -3.02
CA ASP A 164 -9.39 8.09 -2.34
C ASP A 164 -8.12 7.92 -1.52
N SER A 165 -7.60 9.05 -1.07
CA SER A 165 -6.33 9.13 -0.38
C SER A 165 -6.37 8.49 1.00
N ARG A 166 -7.55 8.40 1.61
CA ARG A 166 -7.63 8.04 3.02
C ARG A 166 -7.76 6.54 3.18
N THR A 167 -8.81 5.96 2.58
CA THR A 167 -9.08 4.53 2.63
C THR A 167 -8.35 3.72 1.55
N LYS A 168 -7.93 4.34 0.45
CA LYS A 168 -7.06 3.69 -0.54
C LYS A 168 -7.60 2.33 -1.01
N LYS A 169 -8.89 2.29 -1.34
CA LYS A 169 -9.46 1.06 -1.88
C LYS A 169 -9.02 0.87 -3.31
N ILE A 170 -8.48 -0.31 -3.59
CA ILE A 170 -8.00 -0.65 -4.92
C ILE A 170 -9.16 -0.80 -5.87
N GLN A 171 -9.08 -0.15 -7.03
CA GLN A 171 -10.11 -0.25 -8.04
C GLN A 171 -9.48 -0.62 -9.39
N PRO A 172 -10.22 -1.30 -10.25
CA PRO A 172 -9.69 -1.65 -11.58
C PRO A 172 -9.68 -0.48 -12.55
N VAL A 173 -8.56 -0.36 -13.28
CA VAL A 173 -8.42 0.63 -14.35
C VAL A 173 -7.78 -0.01 -15.57
N TYR A 174 -8.32 0.31 -16.75
CA TYR A 174 -7.85 -0.22 -18.02
C TYR A 174 -7.20 0.87 -18.84
N LEU A 175 -6.11 0.51 -19.54
CA LEU A 175 -5.45 1.43 -20.45
C LEU A 175 -6.34 1.72 -21.65
N MET A 176 -6.45 2.96 -22.01
CA MET A 176 -7.05 3.17 -23.31
C MET A 176 -6.06 2.85 -24.42
N PRO A 177 -6.55 2.27 -25.52
CA PRO A 177 -5.66 2.02 -26.66
C PRO A 177 -4.81 3.20 -27.08
N GLU A 178 -5.32 4.44 -27.03
CA GLU A 178 -4.45 5.55 -27.43
C GLU A 178 -3.22 5.65 -26.54
N VAL A 179 -3.35 5.36 -25.25
CA VAL A 179 -2.17 5.46 -24.41
C VAL A 179 -1.31 4.18 -24.52
N LYS A 180 -1.92 3.02 -24.73
CA LYS A 180 -1.13 1.85 -25.11
C LYS A 180 -0.19 2.21 -26.23
N ASP A 181 -0.72 2.74 -27.34
CA ASP A 181 0.07 2.99 -28.52
C ASP A 181 1.20 3.97 -28.25
N TRP A 182 0.99 4.93 -27.35
CA TRP A 182 2.11 5.81 -27.03
C TRP A 182 3.18 5.08 -26.25
N LEU A 183 2.81 4.04 -25.47
CA LEU A 183 3.81 3.23 -24.78
C LEU A 183 4.58 2.36 -25.78
N VAL A 184 3.89 1.79 -26.76
CA VAL A 184 4.57 1.07 -27.82
C VAL A 184 5.45 2.02 -28.62
N ARG A 185 4.88 3.16 -29.01
CA ARG A 185 5.70 4.19 -29.69
C ARG A 185 6.91 4.51 -28.80
N LEU A 186 6.73 4.77 -27.53
CA LEU A 186 7.92 5.24 -26.77
C LEU A 186 8.85 4.06 -26.46
N GLY A 187 8.44 2.85 -26.82
CA GLY A 187 9.24 1.66 -26.53
C GLY A 187 9.22 1.32 -25.05
N ARG A 188 8.07 1.49 -24.40
CA ARG A 188 7.99 1.31 -22.95
C ARG A 188 6.79 0.42 -22.63
N GLU A 189 6.68 -0.69 -23.34
CA GLU A 189 5.58 -1.65 -23.15
C GLU A 189 5.67 -2.31 -21.77
N ASP A 190 6.81 -2.18 -21.13
CA ASP A 190 6.98 -2.69 -19.76
C ASP A 190 5.96 -2.04 -18.84
N LEU A 191 5.48 -0.86 -19.23
CA LEU A 191 4.58 -0.11 -18.36
C LEU A 191 3.12 -0.45 -18.58
N ILE A 192 2.79 -1.14 -19.67
CA ILE A 192 1.42 -1.56 -19.94
C ILE A 192 0.98 -2.39 -18.74
N GLU A 193 1.67 -3.53 -18.56
CA GLU A 193 1.76 -4.30 -17.32
C GLU A 193 1.51 -3.42 -16.10
N VAL A 194 2.31 -2.38 -15.87
CA VAL A 194 2.20 -1.60 -14.63
C VAL A 194 0.86 -0.89 -14.52
N MET A 195 0.40 -0.28 -15.61
CA MET A 195 -0.83 0.48 -15.59
C MET A 195 -2.07 -0.40 -15.58
N GLU A 196 -1.92 -1.72 -15.70
CA GLU A 196 -3.04 -2.64 -15.55
C GLU A 196 -2.85 -3.57 -14.35
N CYS A 197 -1.92 -3.22 -13.46
CA CYS A 197 -1.58 -4.09 -12.35
C CYS A 197 -2.71 -4.25 -11.35
N THR A 198 -3.85 -3.61 -11.58
CA THR A 198 -4.94 -3.66 -10.63
C THR A 198 -6.14 -4.44 -11.15
N ILE A 199 -6.17 -4.80 -12.43
CA ILE A 199 -7.30 -5.54 -13.01
C ILE A 199 -7.76 -6.71 -12.14
N MET B 1 6.55 -15.87 5.65
CA MET B 1 5.66 -16.55 4.72
C MET B 1 5.17 -15.63 3.62
N ASN B 2 5.11 -16.17 2.40
CA ASN B 2 4.57 -15.46 1.25
C ASN B 2 3.11 -15.87 1.08
N ILE B 3 2.23 -14.89 1.23
CA ILE B 3 0.80 -15.14 1.32
C ILE B 3 0.23 -15.69 0.01
N LYS B 4 0.65 -15.14 -1.12
CA LYS B 4 0.12 -15.67 -2.38
C LYS B 4 0.61 -17.09 -2.62
N GLU B 5 1.82 -17.42 -2.16
CA GLU B 5 2.35 -18.78 -2.31
C GLU B 5 1.66 -19.77 -1.37
N TYR B 6 1.07 -19.30 -0.29
CA TYR B 6 0.46 -20.19 0.68
C TYR B 6 -1.03 -20.38 0.43
N LEU B 7 -1.73 -19.31 0.03
CA LEU B 7 -3.17 -19.34 -0.24
C LEU B 7 -3.54 -19.47 -1.73
N GLY B 8 -2.63 -19.09 -2.64
CA GLY B 8 -3.01 -19.03 -4.05
C GLY B 8 -4.29 -18.25 -4.24
N ASP B 9 -5.16 -18.78 -5.09
CA ASP B 9 -6.43 -18.13 -5.41
C ASP B 9 -7.62 -18.76 -4.69
N LEU B 10 -7.38 -19.39 -3.54
CA LEU B 10 -8.46 -20.06 -2.81
C LEU B 10 -9.56 -19.08 -2.40
N ILE B 11 -9.21 -17.81 -2.15
CA ILE B 11 -10.22 -16.80 -1.84
C ILE B 11 -11.16 -16.62 -3.03
N GLY B 12 -10.61 -16.63 -4.25
CA GLY B 12 -11.43 -16.40 -5.43
C GLY B 12 -12.18 -17.61 -5.93
N SER B 13 -11.65 -18.82 -5.76
CA SER B 13 -12.33 -19.95 -6.38
C SER B 13 -11.95 -21.27 -5.74
N SER B 14 -12.77 -22.27 -6.03
CA SER B 14 -12.60 -23.63 -5.55
C SER B 14 -11.98 -24.41 -6.72
N LEU B 15 -12.35 -25.68 -6.97
CA LEU B 15 -11.66 -26.50 -7.97
C LEU B 15 -11.90 -26.02 -9.41
N LEU B 16 -13.06 -25.42 -9.69
CA LEU B 16 -13.47 -25.00 -11.04
C LEU B 16 -13.54 -26.21 -11.98
N ILE B 17 -14.37 -27.19 -11.57
CA ILE B 17 -14.52 -28.44 -12.33
C ILE B 17 -14.87 -28.13 -13.80
N THR B 18 -16.04 -27.51 -14.01
CA THR B 18 -16.53 -27.28 -15.37
C THR B 18 -15.57 -26.47 -16.22
N GLU B 19 -14.93 -25.45 -15.65
CA GLU B 19 -14.16 -24.52 -16.47
C GLU B 19 -12.77 -25.03 -16.83
N SER B 20 -12.23 -25.99 -16.09
CA SER B 20 -10.80 -26.25 -16.21
C SER B 20 -10.45 -27.00 -17.49
N ARG B 21 -11.30 -27.93 -17.93
CA ARG B 21 -11.09 -28.57 -19.22
C ARG B 21 -11.13 -27.60 -20.38
N ILE B 22 -12.10 -26.66 -20.37
CA ILE B 22 -12.09 -25.62 -21.39
C ILE B 22 -10.69 -25.00 -21.48
N ILE B 23 -10.24 -24.41 -20.36
CA ILE B 23 -9.02 -23.63 -20.39
C ILE B 23 -7.82 -24.50 -20.71
N ALA B 24 -7.79 -25.74 -20.23
CA ALA B 24 -6.69 -26.65 -20.52
C ALA B 24 -6.56 -26.88 -22.03
N GLU B 25 -7.69 -27.08 -22.71
CA GLU B 25 -7.70 -27.14 -24.17
C GLU B 25 -7.24 -25.83 -24.79
N SER B 26 -7.73 -24.70 -24.27
CA SER B 26 -7.37 -23.40 -24.85
C SER B 26 -5.89 -23.09 -24.63
N LEU B 27 -5.32 -23.56 -23.53
CA LEU B 27 -3.91 -23.32 -23.29
C LEU B 27 -3.03 -24.17 -24.20
N LEU B 28 -3.46 -25.41 -24.47
CA LEU B 28 -2.67 -26.30 -25.32
C LEU B 28 -2.54 -25.80 -26.75
N LYS B 29 -3.42 -24.89 -27.19
CA LYS B 29 -3.23 -24.27 -28.50
C LYS B 29 -2.04 -23.30 -28.54
N LYS B 30 -1.36 -23.06 -27.41
CA LYS B 30 -0.09 -22.32 -27.38
C LYS B 30 -0.19 -20.95 -28.07
N LEU B 31 -1.34 -20.29 -27.93
CA LEU B 31 -1.54 -19.00 -28.56
C LEU B 31 -0.75 -17.90 -27.85
N PRO B 32 -0.45 -16.81 -28.55
CA PRO B 32 0.09 -15.63 -27.86
C PRO B 32 -0.94 -15.07 -26.89
N GLU B 33 -0.43 -14.50 -25.79
CA GLU B 33 -1.32 -14.15 -24.68
C GLU B 33 -2.42 -13.19 -25.11
N ASP B 34 -2.12 -12.27 -26.03
CA ASP B 34 -3.10 -11.27 -26.43
C ASP B 34 -4.33 -11.92 -27.05
N GLU B 35 -4.15 -12.72 -28.09
CA GLU B 35 -5.32 -13.33 -28.70
C GLU B 35 -5.78 -14.59 -27.98
N TRP B 36 -4.96 -15.16 -27.09
CA TRP B 36 -5.52 -16.11 -26.13
C TRP B 36 -6.60 -15.43 -25.28
N LYS B 37 -6.31 -14.21 -24.82
CA LYS B 37 -7.31 -13.48 -24.04
C LYS B 37 -8.50 -13.08 -24.90
N SER B 38 -8.26 -12.72 -26.16
CA SER B 38 -9.37 -12.43 -27.05
C SER B 38 -10.29 -13.64 -27.15
N LEU B 39 -9.72 -14.81 -27.47
CA LEU B 39 -10.49 -16.06 -27.54
C LEU B 39 -11.44 -16.20 -26.37
N ILE B 40 -11.02 -15.80 -25.17
CA ILE B 40 -11.87 -15.93 -24.00
C ILE B 40 -13.08 -15.02 -24.13
N VAL B 41 -12.85 -13.73 -24.36
CA VAL B 41 -13.94 -12.74 -24.39
C VAL B 41 -14.68 -12.78 -25.72
N GLU B 42 -13.93 -12.72 -26.83
CA GLU B 42 -14.51 -12.80 -28.16
C GLU B 42 -15.44 -14.01 -28.29
N GLN B 43 -14.89 -15.20 -28.08
CA GLN B 43 -15.60 -16.45 -28.32
C GLN B 43 -16.28 -16.99 -27.06
N ASN B 44 -16.31 -16.21 -25.96
CA ASN B 44 -16.97 -16.55 -24.70
C ASN B 44 -16.79 -18.03 -24.33
N VAL B 45 -15.53 -18.43 -24.21
CA VAL B 45 -15.27 -19.85 -23.95
C VAL B 45 -15.79 -20.24 -22.57
N LEU B 46 -15.71 -19.35 -21.59
CA LEU B 46 -16.35 -19.53 -20.30
C LEU B 46 -17.52 -18.56 -20.25
N GLN B 47 -18.73 -19.10 -20.41
CA GLN B 47 -19.94 -18.30 -20.44
C GLN B 47 -20.13 -17.66 -19.08
N LYS B 48 -19.65 -16.40 -18.93
CA LYS B 48 -19.71 -15.70 -17.65
C LYS B 48 -20.38 -14.34 -17.85
N LYS B 49 -20.75 -13.75 -16.72
CA LYS B 49 -21.32 -12.41 -16.68
C LYS B 49 -20.63 -11.21 -17.32
N SER B 50 -19.40 -10.88 -16.91
CA SER B 50 -18.60 -9.89 -17.62
C SER B 50 -17.55 -10.58 -18.48
N GLY B 51 -17.11 -9.87 -19.52
CA GLY B 51 -16.08 -10.40 -20.40
C GLY B 51 -14.78 -10.68 -19.67
N GLN B 52 -14.38 -9.78 -18.78
CA GLN B 52 -13.08 -9.88 -18.15
C GLN B 52 -13.14 -10.47 -16.74
N THR B 53 -14.32 -10.81 -16.25
CA THR B 53 -14.39 -11.73 -15.12
C THR B 53 -14.11 -13.17 -15.56
N ALA B 54 -14.37 -13.50 -16.83
CA ALA B 54 -13.97 -14.81 -17.34
C ALA B 54 -12.47 -14.92 -17.53
N ILE B 55 -11.78 -13.81 -17.71
CA ILE B 55 -10.32 -13.84 -17.70
C ILE B 55 -9.80 -14.21 -16.32
N ARG B 56 -10.40 -13.67 -15.26
CA ARG B 56 -9.93 -13.99 -13.91
C ARG B 56 -9.98 -15.49 -13.65
N TYR B 57 -11.01 -16.17 -14.15
CA TYR B 57 -11.08 -17.62 -13.98
C TYR B 57 -10.04 -18.32 -14.84
N ALA B 58 -9.96 -17.97 -16.12
CA ALA B 58 -8.93 -18.53 -16.99
C ALA B 58 -7.54 -18.29 -16.41
N ARG B 59 -7.32 -17.07 -15.93
CA ARG B 59 -6.07 -16.70 -15.26
C ARG B 59 -5.79 -17.60 -14.06
N THR B 60 -6.80 -17.87 -13.23
CA THR B 60 -6.64 -18.76 -12.08
C THR B 60 -6.31 -20.19 -12.50
N ILE B 61 -7.07 -20.73 -13.47
CA ILE B 61 -6.80 -22.07 -13.96
C ILE B 61 -5.37 -22.16 -14.50
N ARG B 62 -4.96 -21.18 -15.30
CA ARG B 62 -3.62 -21.16 -15.87
C ARG B 62 -2.55 -21.36 -14.80
N TRP B 63 -2.54 -20.51 -13.76
CA TRP B 63 -1.50 -20.61 -12.74
C TRP B 63 -1.52 -21.96 -12.06
N ARG B 64 -2.69 -22.58 -11.95
CA ARG B 64 -2.82 -23.88 -11.30
C ARG B 64 -2.34 -25.03 -12.18
N ILE B 65 -2.46 -24.87 -13.49
CA ILE B 65 -2.35 -25.99 -14.42
C ILE B 65 -1.10 -25.91 -15.28
N GLU B 66 -0.75 -24.70 -15.75
CA GLU B 66 0.25 -24.56 -16.81
C GLU B 66 1.65 -24.89 -16.33
N GLY B 67 1.99 -24.51 -15.10
CA GLY B 67 3.33 -24.79 -14.60
C GLY B 67 3.62 -26.28 -14.54
N LEU B 68 2.61 -27.08 -14.21
CA LEU B 68 2.69 -28.51 -14.49
C LEU B 68 2.72 -28.66 -16.01
N GLY B 69 3.52 -29.56 -16.52
CA GLY B 69 3.80 -29.51 -17.95
C GLY B 69 2.61 -29.59 -18.91
N ASP B 70 2.89 -29.54 -20.20
CA ASP B 70 1.83 -29.87 -21.16
C ASP B 70 1.36 -31.31 -21.00
N GLU B 71 2.18 -32.16 -20.41
CA GLU B 71 1.79 -33.55 -20.22
C GLU B 71 0.65 -33.62 -19.21
N PHE B 72 0.73 -32.78 -18.16
CA PHE B 72 -0.35 -32.71 -17.19
C PHE B 72 -1.63 -32.19 -17.84
N MET B 73 -1.52 -31.10 -18.61
CA MET B 73 -2.70 -30.52 -19.21
C MET B 73 -3.37 -31.50 -20.15
N THR B 74 -2.57 -32.22 -20.94
CA THR B 74 -3.05 -33.29 -21.82
C THR B 74 -3.79 -34.37 -21.03
N ASP B 75 -3.08 -35.02 -20.09
CA ASP B 75 -3.68 -36.02 -19.20
C ASP B 75 -4.99 -35.56 -18.59
N LEU B 76 -5.11 -34.26 -18.31
CA LEU B 76 -6.30 -33.67 -17.70
C LEU B 76 -7.48 -33.71 -18.65
N LEU B 77 -7.23 -33.59 -19.95
CA LEU B 77 -8.26 -33.79 -20.97
C LEU B 77 -8.63 -35.26 -21.15
N ALA B 78 -7.74 -36.18 -20.78
CA ALA B 78 -7.93 -37.59 -21.10
C ALA B 78 -8.39 -38.42 -19.91
N ALA B 79 -8.44 -37.83 -18.72
CA ALA B 79 -8.79 -38.62 -17.56
C ALA B 79 -10.30 -38.74 -17.44
N SER B 80 -10.75 -39.84 -16.84
CA SER B 80 -12.15 -40.02 -16.47
C SER B 80 -12.62 -38.90 -15.55
N GLU B 81 -13.90 -38.89 -15.19
CA GLU B 81 -14.35 -37.84 -14.28
C GLU B 81 -13.58 -37.90 -12.96
N ARG B 82 -13.39 -39.10 -12.41
CA ARG B 82 -12.81 -39.19 -11.07
C ARG B 82 -11.35 -38.74 -11.06
N ALA B 83 -10.53 -39.31 -11.95
CA ALA B 83 -9.13 -38.92 -12.02
C ALA B 83 -8.97 -37.44 -12.31
N TYR B 84 -9.80 -36.90 -13.21
CA TYR B 84 -9.78 -35.47 -13.50
C TYR B 84 -10.01 -34.64 -12.24
N ILE B 85 -11.03 -34.99 -11.44
CA ILE B 85 -11.26 -34.18 -10.25
C ILE B 85 -10.11 -34.35 -9.27
N GLN B 86 -9.62 -35.59 -9.13
CA GLN B 86 -8.46 -35.79 -8.26
C GLN B 86 -7.25 -35.02 -8.76
N MET B 87 -7.14 -34.84 -10.08
CA MET B 87 -6.02 -34.09 -10.63
C MET B 87 -6.16 -32.61 -10.31
N LEU B 88 -7.37 -32.06 -10.44
CA LEU B 88 -7.65 -30.69 -10.01
C LEU B 88 -7.43 -30.51 -8.51
N MET B 89 -7.84 -31.48 -7.72
CA MET B 89 -7.60 -31.40 -6.29
C MET B 89 -6.11 -31.40 -6.00
N MET B 90 -5.37 -32.28 -6.68
CA MET B 90 -3.91 -32.34 -6.55
C MET B 90 -3.26 -30.98 -6.82
N SER B 91 -3.66 -30.31 -7.90
CA SER B 91 -3.03 -29.03 -8.22
C SER B 91 -3.48 -27.93 -7.26
N LEU B 92 -4.73 -27.96 -6.83
CA LEU B 92 -5.15 -27.07 -5.76
C LEU B 92 -4.28 -27.27 -4.54
N LEU B 93 -4.00 -28.53 -4.19
CA LEU B 93 -3.20 -28.81 -2.99
C LEU B 93 -1.79 -28.29 -3.15
N ILE B 94 -1.26 -28.33 -4.37
CA ILE B 94 0.08 -27.84 -4.63
C ILE B 94 0.10 -26.30 -4.60
N HIS B 95 -0.86 -25.68 -5.29
CA HIS B 95 -0.86 -24.23 -5.48
C HIS B 95 -1.44 -23.50 -4.28
N SER B 96 -2.36 -24.14 -3.53
CA SER B 96 -2.94 -23.56 -2.32
C SER B 96 -2.60 -24.48 -1.14
N PRO B 97 -1.33 -24.57 -0.75
CA PRO B 97 -0.94 -25.53 0.29
C PRO B 97 -1.70 -25.39 1.60
N VAL B 98 -2.38 -24.26 1.82
CA VAL B 98 -3.19 -24.14 3.02
C VAL B 98 -4.26 -25.23 3.07
N VAL B 99 -4.77 -25.65 1.91
CA VAL B 99 -5.82 -26.67 1.94
C VAL B 99 -5.26 -28.00 2.43
N ALA B 100 -4.02 -28.31 2.05
CA ALA B 100 -3.37 -29.52 2.51
C ALA B 100 -3.04 -29.44 4.00
N ASP B 101 -2.68 -28.25 4.49
CA ASP B 101 -2.52 -28.10 5.94
C ASP B 101 -3.84 -28.37 6.65
N PHE B 102 -4.93 -27.87 6.10
CA PHE B 102 -6.23 -28.11 6.71
C PHE B 102 -6.55 -29.61 6.73
N MET B 103 -6.21 -30.32 5.65
CA MET B 103 -6.48 -31.76 5.59
C MET B 103 -5.67 -32.50 6.66
N ARG B 104 -4.37 -32.20 6.75
CA ARG B 104 -3.54 -32.71 7.83
C ARG B 104 -4.13 -32.38 9.19
N HIS B 105 -4.35 -31.09 9.44
CA HIS B 105 -4.62 -30.62 10.79
C HIS B 105 -6.01 -30.96 11.25
N THR B 106 -6.99 -31.02 10.35
CA THR B 106 -8.39 -31.20 10.76
C THR B 106 -8.98 -32.49 10.24
N LEU B 107 -8.82 -32.79 8.95
CA LEU B 107 -9.47 -33.96 8.36
C LEU B 107 -8.85 -35.25 8.86
N ALA B 108 -7.52 -35.35 8.80
CA ALA B 108 -6.83 -36.50 9.38
C ALA B 108 -7.14 -36.63 10.87
N GLU B 109 -7.08 -35.52 11.60
CA GLU B 109 -7.26 -35.59 13.05
C GLU B 109 -8.66 -36.05 13.44
N ALA B 110 -9.69 -35.60 12.72
CA ALA B 110 -11.03 -36.10 13.02
C ALA B 110 -11.12 -37.59 12.73
N ARG B 111 -10.36 -38.05 11.74
CA ARG B 111 -10.35 -39.47 11.41
C ARG B 111 -9.66 -40.28 12.51
N ARG B 112 -8.47 -39.83 12.95
CA ARG B 112 -7.74 -40.60 13.95
C ARG B 112 -8.46 -40.61 15.29
N THR B 113 -9.40 -39.70 15.48
CA THR B 113 -10.09 -39.56 16.74
C THR B 113 -11.53 -40.10 16.67
N TYR B 114 -11.87 -40.83 15.62
CA TYR B 114 -13.20 -41.42 15.45
C TYR B 114 -14.31 -40.38 15.47
N LYS B 115 -14.01 -39.13 15.14
CA LYS B 115 -15.09 -38.16 14.93
C LYS B 115 -15.61 -38.27 13.50
N PRO B 116 -16.92 -38.42 13.31
CA PRO B 116 -17.45 -38.73 11.97
C PRO B 116 -17.58 -37.53 11.05
N ALA B 117 -17.42 -36.31 11.53
CA ALA B 117 -17.69 -35.15 10.70
C ALA B 117 -16.82 -34.00 11.18
N LEU B 118 -16.72 -32.97 10.34
CA LEU B 118 -16.08 -31.74 10.70
C LEU B 118 -17.13 -30.80 11.27
N THR B 119 -16.71 -29.93 12.20
CA THR B 119 -17.67 -28.96 12.71
C THR B 119 -17.84 -27.80 11.73
N ALA B 120 -18.91 -27.03 11.92
CA ALA B 120 -19.22 -25.97 10.96
C ALA B 120 -18.13 -24.92 10.88
N ASP B 121 -17.23 -24.86 11.87
CA ASP B 121 -16.19 -23.84 11.90
C ASP B 121 -14.79 -24.46 11.92
N ALA B 122 -14.63 -25.69 11.44
CA ALA B 122 -13.29 -26.27 11.39
C ALA B 122 -12.33 -25.35 10.65
N TRP B 123 -12.79 -24.76 9.55
CA TRP B 123 -11.89 -23.91 8.75
C TRP B 123 -11.37 -22.71 9.54
N SER B 124 -12.28 -21.92 10.13
CA SER B 124 -11.86 -20.71 10.86
C SER B 124 -10.96 -21.05 12.03
N GLU B 125 -11.37 -22.04 12.82
CA GLU B 125 -10.51 -22.54 13.88
C GLU B 125 -9.11 -22.83 13.34
N PHE B 126 -9.03 -23.74 12.37
CA PHE B 126 -7.77 -24.03 11.71
C PHE B 126 -7.08 -22.77 11.24
N TYR B 127 -7.83 -21.88 10.59
CA TYR B 127 -7.15 -20.73 9.98
C TYR B 127 -6.56 -19.81 11.03
N ASP B 128 -7.17 -19.72 12.21
CA ASP B 128 -6.61 -18.89 13.27
C ASP B 128 -5.28 -19.47 13.77
N THR B 129 -5.19 -20.79 13.88
CA THR B 129 -3.92 -21.38 14.30
C THR B 129 -2.78 -20.94 13.39
N ARG B 130 -3.04 -20.80 12.08
CA ARG B 130 -1.98 -20.37 11.17
C ARG B 130 -1.67 -18.87 11.31
N VAL B 131 -2.70 -18.05 11.52
CA VAL B 131 -2.49 -16.64 11.89
C VAL B 131 -1.55 -16.55 13.09
N ARG B 132 -1.86 -17.31 14.15
CA ARG B 132 -1.00 -17.35 15.34
C ARG B 132 0.44 -17.64 14.96
N ALA B 133 0.64 -18.57 14.02
CA ALA B 133 1.99 -18.90 13.57
C ALA B 133 2.57 -17.83 12.67
N TYR B 134 1.75 -17.21 11.81
CA TYR B 134 2.25 -16.28 10.80
C TYR B 134 1.34 -15.06 10.75
N ALA B 135 1.86 -13.93 11.25
CA ALA B 135 1.12 -12.68 11.26
C ALA B 135 0.65 -12.29 9.88
N GLU B 136 1.44 -12.58 8.85
CA GLU B 136 1.09 -12.14 7.50
C GLU B 136 -0.30 -12.61 7.07
N LEU B 137 -0.82 -13.70 7.68
CA LEU B 137 -2.11 -14.26 7.29
C LEU B 137 -3.29 -13.59 7.99
N GLY B 138 -3.04 -12.71 8.95
CA GLY B 138 -4.15 -12.11 9.64
C GLY B 138 -4.49 -10.71 9.17
N GLY B 139 -4.35 -10.44 7.87
CA GLY B 139 -4.74 -9.13 7.40
C GLY B 139 -6.04 -9.06 6.60
N PHE B 140 -6.94 -10.03 6.79
CA PHE B 140 -8.13 -10.15 5.98
C PHE B 140 -9.36 -9.88 6.83
N SER B 141 -10.46 -9.52 6.16
CA SER B 141 -11.74 -9.50 6.82
C SER B 141 -12.16 -10.92 7.16
N ASP B 142 -13.06 -11.03 8.14
CA ASP B 142 -13.61 -12.34 8.47
C ASP B 142 -14.32 -12.94 7.28
N SER B 143 -15.12 -12.12 6.59
CA SER B 143 -15.85 -12.63 5.42
C SER B 143 -14.90 -13.25 4.39
N THR B 144 -13.72 -12.66 4.20
CA THR B 144 -12.77 -13.21 3.24
C THR B 144 -12.32 -14.61 3.65
N ILE B 145 -12.06 -14.82 4.94
CA ILE B 145 -11.62 -16.12 5.42
C ILE B 145 -12.76 -17.15 5.35
N LYS B 146 -13.99 -16.72 5.63
CA LYS B 146 -15.12 -17.63 5.44
C LYS B 146 -15.29 -18.02 3.98
N LYS B 147 -15.15 -17.06 3.06
CA LYS B 147 -15.27 -17.39 1.64
C LYS B 147 -14.21 -18.39 1.22
N MET B 148 -13.00 -18.20 1.73
CA MET B 148 -11.90 -19.12 1.48
C MET B 148 -12.22 -20.53 1.99
N GLY B 149 -12.67 -20.63 3.24
CA GLY B 149 -13.05 -21.92 3.78
C GLY B 149 -14.20 -22.56 3.03
N ASN B 150 -15.14 -21.76 2.56
CA ASN B 150 -16.21 -22.34 1.74
C ASN B 150 -15.64 -22.97 0.49
N ASN B 151 -14.57 -22.39 -0.08
CA ASN B 151 -14.00 -23.00 -1.30
C ASN B 151 -13.16 -24.20 -0.96
N ALA B 152 -12.50 -24.21 0.19
CA ALA B 152 -11.80 -25.41 0.60
C ALA B 152 -12.79 -26.54 0.81
N ILE B 153 -13.87 -26.27 1.55
CA ILE B 153 -14.86 -27.29 1.85
C ILE B 153 -15.50 -27.81 0.57
N LYS B 154 -15.78 -26.92 -0.37
CA LYS B 154 -16.38 -27.38 -1.61
C LYS B 154 -15.42 -28.32 -2.35
N ALA B 155 -14.12 -27.99 -2.37
CA ALA B 155 -13.15 -28.89 -3.00
C ALA B 155 -13.12 -30.27 -2.32
N LEU B 156 -13.17 -30.29 -0.99
CA LEU B 156 -13.20 -31.55 -0.25
C LEU B 156 -14.45 -32.35 -0.55
N VAL B 157 -15.59 -31.68 -0.66
CA VAL B 157 -16.83 -32.35 -1.05
C VAL B 157 -16.71 -32.87 -2.48
N ASP B 158 -16.36 -31.99 -3.41
CA ASP B 158 -16.34 -32.34 -4.82
C ASP B 158 -15.43 -33.53 -5.12
N SER B 159 -14.34 -33.68 -4.36
CA SER B 159 -13.39 -34.74 -4.61
C SER B 159 -13.54 -35.89 -3.64
N GLY B 160 -14.65 -35.94 -2.89
CA GLY B 160 -15.06 -37.15 -2.20
C GLY B 160 -14.76 -37.22 -0.72
N TYR B 161 -13.97 -36.29 -0.18
CA TYR B 161 -13.54 -36.42 1.21
C TYR B 161 -14.67 -36.17 2.20
N LEU B 162 -15.68 -35.38 1.80
CA LEU B 162 -16.77 -34.94 2.66
C LEU B 162 -18.09 -35.17 1.96
N SER B 163 -19.11 -35.56 2.73
CA SER B 163 -20.39 -35.90 2.13
C SER B 163 -20.99 -34.71 1.42
N ASP B 164 -20.91 -33.55 2.07
CA ASP B 164 -21.64 -32.37 1.65
C ASP B 164 -21.11 -31.21 2.47
N SER B 165 -21.36 -30.00 1.97
CA SER B 165 -20.85 -28.80 2.63
C SER B 165 -21.53 -28.54 3.98
N ARG B 166 -22.79 -28.97 4.15
CA ARG B 166 -23.46 -28.68 5.43
C ARG B 166 -23.06 -29.66 6.53
N THR B 167 -23.26 -30.97 6.33
CA THR B 167 -23.00 -31.87 7.45
C THR B 167 -21.53 -32.27 7.55
N LYS B 168 -20.80 -32.28 6.43
CA LYS B 168 -19.36 -32.54 6.40
C LYS B 168 -18.98 -33.92 6.94
N LYS B 169 -19.78 -34.93 6.62
CA LYS B 169 -19.41 -36.32 6.92
C LYS B 169 -18.14 -36.70 6.19
N ILE B 170 -17.16 -37.25 6.92
CA ILE B 170 -15.90 -37.69 6.36
C ILE B 170 -16.10 -39.01 5.62
N GLN B 171 -15.49 -39.13 4.44
CA GLN B 171 -15.60 -40.31 3.60
C GLN B 171 -14.23 -40.71 3.09
N PRO B 172 -13.94 -42.01 3.02
CA PRO B 172 -12.64 -42.44 2.50
C PRO B 172 -12.49 -42.13 1.02
N VAL B 173 -11.29 -41.70 0.61
CA VAL B 173 -10.99 -41.60 -0.81
C VAL B 173 -9.65 -42.27 -1.06
N TYR B 174 -9.58 -43.04 -2.14
CA TYR B 174 -8.37 -43.72 -2.57
C TYR B 174 -7.83 -43.00 -3.78
N LEU B 175 -6.51 -42.83 -3.83
CA LEU B 175 -5.88 -42.19 -4.99
C LEU B 175 -5.96 -43.10 -6.19
N MET B 176 -6.56 -42.62 -7.28
CA MET B 176 -6.44 -43.34 -8.56
C MET B 176 -4.96 -43.51 -8.91
N PRO B 177 -4.53 -44.71 -9.33
CA PRO B 177 -3.11 -44.92 -9.64
C PRO B 177 -2.47 -43.87 -10.55
N GLU B 178 -3.17 -43.39 -11.58
CA GLU B 178 -2.58 -42.36 -12.42
C GLU B 178 -2.27 -41.07 -11.65
N VAL B 179 -2.90 -40.84 -10.51
CA VAL B 179 -2.62 -39.60 -9.77
C VAL B 179 -1.48 -39.79 -8.78
N LYS B 180 -1.39 -40.96 -8.11
CA LYS B 180 -0.17 -41.27 -7.40
C LYS B 180 1.05 -41.08 -8.29
N ASP B 181 0.93 -41.50 -9.56
CA ASP B 181 2.05 -41.39 -10.50
C ASP B 181 2.40 -39.95 -10.77
N TRP B 182 1.38 -39.11 -10.96
CA TRP B 182 1.66 -37.69 -11.19
C TRP B 182 2.32 -37.06 -9.97
N LEU B 183 1.87 -37.43 -8.76
CA LEU B 183 2.53 -36.91 -7.57
C LEU B 183 3.99 -37.37 -7.50
N VAL B 184 4.27 -38.57 -8.00
CA VAL B 184 5.63 -39.11 -8.04
C VAL B 184 6.45 -38.37 -9.08
N ARG B 185 5.85 -38.14 -10.25
CA ARG B 185 6.50 -37.41 -11.33
C ARG B 185 6.92 -36.01 -10.89
N LEU B 186 6.15 -35.38 -9.99
CA LEU B 186 6.33 -33.99 -9.58
C LEU B 186 7.19 -33.83 -8.34
N GLY B 187 7.62 -34.91 -7.70
CA GLY B 187 8.40 -34.77 -6.50
C GLY B 187 7.59 -34.49 -5.26
N ARG B 188 6.29 -34.77 -5.28
CA ARG B 188 5.40 -34.34 -4.21
C ARG B 188 4.70 -35.52 -3.55
N GLU B 189 5.46 -36.59 -3.26
CA GLU B 189 4.88 -37.78 -2.66
C GLU B 189 4.41 -37.51 -1.25
N ASP B 190 4.87 -36.43 -0.63
CA ASP B 190 4.34 -36.06 0.68
C ASP B 190 2.83 -35.85 0.65
N LEU B 191 2.25 -35.64 -0.53
CA LEU B 191 0.82 -35.40 -0.67
C LEU B 191 0.01 -36.68 -0.89
N ILE B 192 0.63 -37.80 -1.22
CA ILE B 192 -0.10 -39.07 -1.29
C ILE B 192 -0.78 -39.34 0.05
N GLU B 193 0.04 -39.36 1.10
CA GLU B 193 -0.33 -39.24 2.50
C GLU B 193 -1.56 -38.35 2.71
N VAL B 194 -1.55 -37.15 2.13
CA VAL B 194 -2.57 -36.16 2.43
C VAL B 194 -3.86 -36.51 1.72
N MET B 195 -3.76 -36.83 0.44
CA MET B 195 -4.95 -37.17 -0.32
C MET B 195 -5.53 -38.54 0.03
N GLU B 196 -4.91 -39.32 0.93
CA GLU B 196 -5.50 -40.57 1.41
C GLU B 196 -5.73 -40.55 2.92
N CYS B 197 -5.78 -39.36 3.53
CA CYS B 197 -5.82 -39.19 4.98
C CYS B 197 -7.17 -39.54 5.61
N THR B 198 -8.21 -39.81 4.81
CA THR B 198 -9.49 -40.25 5.36
C THR B 198 -9.69 -41.76 5.31
N ILE B 199 -8.74 -42.49 4.74
CA ILE B 199 -8.87 -43.94 4.68
C ILE B 199 -8.77 -44.57 6.08
N MET C 1 15.64 4.95 10.10
CA MET C 1 16.95 4.74 9.51
C MET C 1 17.90 5.85 10.00
N ASN C 2 17.58 7.12 9.72
CA ASN C 2 18.33 8.25 10.30
C ASN C 2 17.60 8.70 11.57
N ILE C 3 18.11 8.27 12.73
CA ILE C 3 17.54 8.56 14.05
C ILE C 3 17.05 9.99 14.19
N LYS C 4 17.94 10.93 13.90
CA LYS C 4 17.61 12.34 13.99
C LYS C 4 16.30 12.68 13.30
N GLU C 5 16.11 12.14 12.08
CA GLU C 5 14.95 12.48 11.28
C GLU C 5 13.69 11.81 11.80
N TYR C 6 13.83 10.70 12.54
CA TYR C 6 12.66 10.00 13.05
C TYR C 6 12.29 10.48 14.45
N LEU C 7 13.28 10.75 15.32
CA LEU C 7 12.99 11.13 16.69
C LEU C 7 12.94 12.64 16.90
N GLY C 8 13.65 13.42 16.10
CA GLY C 8 13.69 14.86 16.39
C GLY C 8 14.37 15.12 17.73
N ASP C 9 13.86 16.11 18.46
CA ASP C 9 14.35 16.39 19.80
C ASP C 9 13.43 15.85 20.89
N LEU C 10 12.60 14.85 20.56
CA LEU C 10 11.61 14.34 21.50
C LEU C 10 12.25 13.84 22.78
N ILE C 11 13.50 13.34 22.73
CA ILE C 11 14.14 12.91 23.97
C ILE C 11 14.30 14.09 24.91
N GLY C 12 14.54 15.27 24.35
CA GLY C 12 14.81 16.44 25.13
C GLY C 12 13.59 17.27 25.48
N SER C 13 12.60 17.37 24.58
CA SER C 13 11.54 18.35 24.79
C SER C 13 10.20 17.85 24.28
N SER C 14 9.14 18.44 24.83
CA SER C 14 7.78 18.20 24.37
C SER C 14 7.34 19.35 23.48
N LEU C 15 6.09 19.82 23.63
CA LEU C 15 5.59 20.89 22.77
C LEU C 15 6.32 22.22 22.98
N LEU C 16 6.99 22.42 24.10
CA LEU C 16 7.62 23.71 24.41
C LEU C 16 6.65 24.87 24.21
N ILE C 17 5.49 24.75 24.84
CA ILE C 17 4.42 25.74 24.65
C ILE C 17 4.86 27.12 25.10
N THR C 18 5.42 27.21 26.31
CA THR C 18 5.79 28.51 26.86
C THR C 18 6.82 29.21 25.99
N GLU C 19 7.71 28.44 25.38
CA GLU C 19 8.91 28.98 24.77
C GLU C 19 8.74 29.31 23.29
N SER C 20 7.72 28.76 22.62
CA SER C 20 7.74 28.79 21.17
C SER C 20 7.26 30.11 20.60
N ARG C 21 6.29 30.76 21.27
CA ARG C 21 5.86 32.10 20.86
C ARG C 21 7.04 33.06 20.87
N ILE C 22 7.84 33.03 21.93
CA ILE C 22 8.99 33.91 22.09
C ILE C 22 10.07 33.56 21.08
N ILE C 23 10.42 32.27 20.97
CA ILE C 23 11.45 31.92 20.01
C ILE C 23 10.96 32.20 18.58
N ALA C 24 9.69 31.95 18.31
CA ALA C 24 9.12 32.35 17.01
C ALA C 24 9.26 33.85 16.80
N GLU C 25 8.96 34.64 17.83
CA GLU C 25 9.17 36.09 17.77
C GLU C 25 10.59 36.41 17.32
N SER C 26 11.58 35.88 18.05
CA SER C 26 12.98 36.16 17.73
C SER C 26 13.32 35.76 16.30
N LEU C 27 13.06 34.50 15.95
CA LEU C 27 13.25 34.03 14.58
C LEU C 27 12.55 34.91 13.54
N LEU C 28 11.57 35.73 13.93
CA LEU C 28 10.96 36.69 13.00
C LEU C 28 11.56 38.08 13.15
N LYS C 37 21.41 34.96 19.03
CA LYS C 37 21.98 33.98 19.97
C LYS C 37 22.38 34.61 21.29
N SER C 38 23.20 35.67 21.20
CA SER C 38 23.37 36.54 22.35
C SER C 38 22.04 37.07 22.81
N LEU C 39 21.14 37.34 21.85
CA LEU C 39 19.78 37.75 22.19
C LEU C 39 19.17 36.82 23.22
N ILE C 40 19.17 35.51 22.92
CA ILE C 40 18.53 34.54 23.80
C ILE C 40 19.11 34.60 25.20
N VAL C 41 20.45 34.52 25.31
CA VAL C 41 21.08 34.50 26.63
C VAL C 41 21.05 35.89 27.28
N GLU C 42 21.42 36.94 26.51
CA GLU C 42 21.53 38.27 27.10
C GLU C 42 20.16 38.83 27.49
N GLN C 43 19.15 38.63 26.65
CA GLN C 43 17.79 38.98 27.04
C GLN C 43 17.29 38.09 28.17
N ASN C 44 17.74 36.82 28.19
CA ASN C 44 17.12 35.78 29.01
C ASN C 44 15.63 35.67 28.66
N VAL C 45 15.36 35.54 27.35
CA VAL C 45 13.99 35.40 26.86
C VAL C 45 13.27 34.26 27.56
N LEU C 46 13.99 33.28 28.08
CA LEU C 46 13.35 32.16 28.76
C LEU C 46 13.71 32.11 30.25
N THR C 53 20.20 25.79 29.35
CA THR C 53 18.91 25.19 29.00
C THR C 53 18.26 26.00 27.87
N ALA C 54 18.49 27.31 27.87
CA ALA C 54 17.90 28.15 26.84
C ALA C 54 18.56 27.95 25.49
N ILE C 55 19.84 27.56 25.47
CA ILE C 55 20.51 27.33 24.20
C ILE C 55 19.89 26.13 23.47
N ARG C 56 19.74 25.00 24.17
CA ARG C 56 19.17 23.81 23.55
C ARG C 56 17.70 24.01 23.20
N TYR C 57 16.98 24.80 24.00
CA TYR C 57 15.56 25.02 23.75
C TYR C 57 15.34 25.81 22.45
N ALA C 58 16.23 26.76 22.15
CA ALA C 58 15.96 27.69 21.06
C ALA C 58 16.15 27.06 19.69
N ARG C 59 17.10 26.12 19.56
CA ARG C 59 17.30 25.47 18.27
C ARG C 59 16.36 24.29 18.07
N THR C 60 15.98 23.59 19.14
CA THR C 60 14.86 22.67 19.06
C THR C 60 13.65 23.32 18.40
N ILE C 61 13.28 24.52 18.87
CA ILE C 61 12.14 25.24 18.29
C ILE C 61 12.46 25.66 16.85
N ARG C 62 13.66 26.21 16.62
CA ARG C 62 13.99 26.70 15.28
C ARG C 62 13.97 25.56 14.27
N TRP C 63 14.51 24.40 14.64
CA TRP C 63 14.46 23.22 13.74
C TRP C 63 13.02 22.82 13.46
N ARG C 64 12.17 22.93 14.46
CA ARG C 64 10.76 22.60 14.25
C ARG C 64 10.08 23.61 13.33
N ILE C 65 10.36 24.89 13.52
CA ILE C 65 9.45 25.93 13.10
C ILE C 65 9.98 26.71 11.91
N GLU C 66 11.29 26.93 11.86
CA GLU C 66 11.88 27.77 10.79
C GLU C 66 11.66 27.15 9.42
N GLY C 67 11.89 25.83 9.31
CA GLY C 67 11.72 25.17 8.02
C GLY C 67 10.32 25.27 7.48
N LEU C 68 9.32 25.35 8.35
CA LEU C 68 7.97 25.62 7.87
C LEU C 68 7.87 27.06 7.37
N GLY C 69 6.78 27.35 6.68
CA GLY C 69 6.57 28.68 6.14
C GLY C 69 6.87 29.85 7.07
N ASP C 70 7.62 30.84 6.58
CA ASP C 70 7.79 32.05 7.36
C ASP C 70 6.45 32.69 7.68
N GLU C 71 5.43 32.39 6.89
CA GLU C 71 4.05 32.69 7.26
C GLU C 71 3.60 31.84 8.44
N PHE C 72 4.02 30.56 8.48
CA PHE C 72 3.61 29.67 9.57
C PHE C 72 3.99 30.27 10.90
N MET C 73 5.24 30.72 11.01
CA MET C 73 5.68 31.35 12.25
C MET C 73 4.87 32.60 12.53
N THR C 74 4.57 33.38 11.50
CA THR C 74 3.68 34.51 11.64
C THR C 74 2.31 34.07 12.13
N ASP C 75 1.72 33.10 11.42
CA ASP C 75 0.44 32.53 11.84
C ASP C 75 0.51 32.00 13.26
N LEU C 76 1.63 31.37 13.61
CA LEU C 76 1.79 30.88 14.97
C LEU C 76 1.65 32.01 15.99
N LEU C 77 2.30 33.15 15.74
CA LEU C 77 2.26 34.25 16.70
C LEU C 77 0.85 34.72 16.94
N ALA C 78 0.04 34.82 15.89
CA ALA C 78 -1.29 35.41 15.96
C ALA C 78 -2.38 34.44 16.40
N ALA C 79 -2.05 33.16 16.61
CA ALA C 79 -3.07 32.14 16.74
C ALA C 79 -3.63 32.12 18.17
N SER C 80 -4.91 31.74 18.26
CA SER C 80 -5.59 31.60 19.54
C SER C 80 -4.90 30.56 20.44
N GLU C 81 -5.39 30.48 21.69
CA GLU C 81 -4.95 29.47 22.64
C GLU C 81 -4.91 28.09 22.00
N ARG C 82 -6.05 27.67 21.45
CA ARG C 82 -6.21 26.31 21.00
C ARG C 82 -5.46 26.06 19.70
N ALA C 83 -5.59 26.97 18.74
CA ALA C 83 -4.92 26.77 17.46
C ALA C 83 -3.41 26.82 17.60
N TYR C 84 -2.91 27.64 18.53
CA TYR C 84 -1.47 27.66 18.84
C TYR C 84 -0.99 26.28 19.26
N ILE C 85 -1.67 25.67 20.24
CA ILE C 85 -1.31 24.32 20.68
C ILE C 85 -1.37 23.34 19.51
N GLN C 86 -2.45 23.41 18.72
CA GLN C 86 -2.60 22.49 17.60
C GLN C 86 -1.51 22.68 16.56
N MET C 87 -1.04 23.92 16.36
CA MET C 87 0.00 24.14 15.37
C MET C 87 1.35 23.63 15.87
N LEU C 88 1.61 23.78 17.17
CA LEU C 88 2.82 23.22 17.73
C LEU C 88 2.81 21.69 17.62
N MET C 89 1.69 21.06 17.98
CA MET C 89 1.53 19.63 17.80
C MET C 89 1.74 19.22 16.34
N MET C 90 1.10 19.93 15.42
CA MET C 90 1.31 19.68 14.00
C MET C 90 2.80 19.71 13.64
N SER C 91 3.53 20.71 14.12
CA SER C 91 4.94 20.78 13.78
C SER C 91 5.73 19.71 14.53
N LEU C 92 5.31 19.36 15.75
CA LEU C 92 5.93 18.21 16.41
C LEU C 92 5.75 16.95 15.57
N LEU C 93 4.53 16.75 15.04
CA LEU C 93 4.27 15.53 14.29
C LEU C 93 5.12 15.46 13.04
N ILE C 94 5.43 16.62 12.47
CA ILE C 94 6.30 16.66 11.30
C ILE C 94 7.74 16.41 11.71
N HIS C 95 8.18 17.09 12.75
CA HIS C 95 9.58 17.01 13.14
C HIS C 95 9.92 15.74 13.91
N SER C 96 8.94 15.09 14.54
CA SER C 96 9.16 13.88 15.34
C SER C 96 8.16 12.83 14.90
N PRO C 97 8.30 12.31 13.67
CA PRO C 97 7.27 11.43 13.11
C PRO C 97 7.02 10.18 13.93
N VAL C 98 7.95 9.82 14.82
CA VAL C 98 7.71 8.74 15.77
C VAL C 98 6.44 9.01 16.57
N VAL C 99 6.13 10.29 16.84
CA VAL C 99 4.90 10.60 17.55
C VAL C 99 3.69 10.38 16.65
N ALA C 100 3.78 10.77 15.38
CA ALA C 100 2.70 10.47 14.46
C ALA C 100 2.47 8.95 14.33
N ASP C 101 3.56 8.17 14.24
CA ASP C 101 3.45 6.71 14.22
C ASP C 101 2.78 6.20 15.49
N PHE C 102 3.21 6.71 16.64
CA PHE C 102 2.62 6.28 17.91
C PHE C 102 1.11 6.48 17.88
N MET C 103 0.65 7.61 17.35
CA MET C 103 -0.78 7.87 17.30
C MET C 103 -1.48 6.86 16.39
N ARG C 104 -0.90 6.59 15.22
CA ARG C 104 -1.46 5.61 14.30
C ARG C 104 -1.56 4.22 14.91
N HIS C 105 -0.47 3.78 15.56
CA HIS C 105 -0.35 2.40 16.00
C HIS C 105 -1.13 2.14 17.28
N THR C 106 -1.27 3.16 18.13
CA THR C 106 -1.80 2.97 19.48
C THR C 106 -3.09 3.71 19.70
N LEU C 107 -3.09 5.06 19.73
CA LEU C 107 -4.36 5.78 19.91
C LEU C 107 -5.42 5.34 18.93
N ALA C 108 -5.16 5.49 17.63
CA ALA C 108 -6.21 5.20 16.66
C ALA C 108 -6.71 3.76 16.80
N GLU C 109 -5.82 2.83 17.13
CA GLU C 109 -6.22 1.43 17.32
C GLU C 109 -7.05 1.27 18.58
N ALA C 110 -6.68 1.93 19.67
CA ALA C 110 -7.48 1.84 20.88
C ALA C 110 -8.85 2.47 20.67
N ARG C 111 -8.87 3.73 20.21
CA ARG C 111 -10.11 4.37 19.75
C ARG C 111 -10.90 3.42 18.86
N ARG C 112 -10.20 2.75 17.94
CA ARG C 112 -10.85 1.83 17.03
C ARG C 112 -11.44 0.64 17.79
N THR C 113 -10.60 -0.14 18.49
CA THR C 113 -11.05 -1.34 19.19
C THR C 113 -11.80 -1.09 20.49
N TYR C 114 -12.38 0.11 20.68
CA TYR C 114 -13.25 0.40 21.82
C TYR C 114 -12.53 0.27 23.16
N LYS C 115 -11.23 0.46 23.18
CA LYS C 115 -10.61 0.63 24.50
C LYS C 115 -10.64 2.10 24.89
N PRO C 116 -11.02 2.45 26.12
CA PRO C 116 -11.15 3.87 26.49
C PRO C 116 -9.89 4.55 26.96
N ALA C 117 -8.78 3.83 27.14
CA ALA C 117 -7.58 4.45 27.69
C ALA C 117 -6.37 3.70 27.17
N LEU C 118 -5.19 4.26 27.44
CA LEU C 118 -3.92 3.67 27.04
C LEU C 118 -3.26 2.98 28.22
N THR C 119 -2.50 1.92 27.93
CA THR C 119 -1.78 1.20 28.98
C THR C 119 -0.63 2.05 29.50
N ALA C 120 -0.03 1.56 30.60
CA ALA C 120 0.98 2.34 31.31
C ALA C 120 2.19 2.65 30.43
N ASP C 121 2.75 1.63 29.76
CA ASP C 121 3.72 1.86 28.69
C ASP C 121 3.19 1.27 27.38
N ALA C 122 2.08 1.84 26.92
CA ALA C 122 1.79 1.81 25.49
C ALA C 122 3.02 2.25 24.71
N TRP C 123 3.73 3.26 25.23
CA TRP C 123 4.79 3.89 24.45
C TRP C 123 5.97 2.94 24.25
N SER C 124 6.45 2.32 25.34
CA SER C 124 7.59 1.41 25.25
C SER C 124 7.24 0.21 24.38
N GLU C 125 6.04 -0.31 24.53
CA GLU C 125 5.59 -1.40 23.65
C GLU C 125 5.67 -0.97 22.18
N PHE C 126 5.18 0.24 21.88
CA PHE C 126 5.23 0.73 20.50
C PHE C 126 6.67 0.95 20.07
N TYR C 127 7.48 1.60 20.92
CA TYR C 127 8.87 1.88 20.53
C TYR C 127 9.61 0.59 20.19
N ASP C 128 9.34 -0.49 20.93
CA ASP C 128 10.04 -1.73 20.64
C ASP C 128 9.68 -2.30 19.28
N THR C 129 8.45 -2.07 18.81
CA THR C 129 8.13 -2.48 17.44
C THR C 129 8.87 -1.61 16.43
N ARG C 130 9.20 -0.38 16.81
CA ARG C 130 10.02 0.47 15.95
C ARG C 130 11.43 -0.08 15.88
N VAL C 131 11.92 -0.60 17.00
CA VAL C 131 13.27 -1.14 17.03
C VAL C 131 13.35 -2.41 16.19
N ARG C 132 12.33 -3.28 16.28
CA ARG C 132 12.36 -4.50 15.50
C ARG C 132 12.38 -4.18 14.02
N ALA C 133 11.80 -3.04 13.62
CA ALA C 133 11.86 -2.65 12.23
C ALA C 133 13.16 -1.93 11.88
N TYR C 134 13.69 -1.12 12.79
CA TYR C 134 14.86 -0.28 12.52
C TYR C 134 15.83 -0.41 13.68
N ALA C 135 16.89 -1.20 13.45
CA ALA C 135 17.84 -1.52 14.52
C ALA C 135 18.53 -0.28 15.08
N GLU C 136 18.74 0.74 14.24
CA GLU C 136 19.36 1.99 14.71
C GLU C 136 18.66 2.55 15.94
N LEU C 137 17.36 2.31 16.11
CA LEU C 137 16.62 2.83 17.25
C LEU C 137 16.94 2.06 18.53
N GLY C 138 17.72 1.00 18.46
CA GLY C 138 17.92 0.09 19.56
C GLY C 138 19.09 0.38 20.46
N GLY C 139 19.68 1.57 20.37
CA GLY C 139 20.88 1.83 21.12
C GLY C 139 20.71 2.83 22.25
N PHE C 140 19.54 2.85 22.88
CA PHE C 140 19.26 3.77 23.97
C PHE C 140 19.08 3.00 25.26
N SER C 141 19.47 3.62 26.37
CA SER C 141 19.05 3.09 27.66
C SER C 141 17.54 3.12 27.73
N ASP C 142 16.96 2.19 28.52
CA ASP C 142 15.52 2.22 28.74
C ASP C 142 15.06 3.57 29.28
N SER C 143 15.83 4.16 30.20
CA SER C 143 15.39 5.42 30.79
C SER C 143 15.22 6.48 29.72
N THR C 144 16.09 6.51 28.71
CA THR C 144 15.95 7.46 27.62
C THR C 144 14.65 7.21 26.86
N ILE C 145 14.32 5.94 26.61
CA ILE C 145 13.07 5.63 25.93
C ILE C 145 11.88 6.12 26.74
N LYS C 146 11.97 5.99 28.07
CA LYS C 146 10.90 6.47 28.95
C LYS C 146 10.74 7.97 28.83
N LYS C 147 11.84 8.73 28.94
CA LYS C 147 11.70 10.19 28.87
C LYS C 147 11.10 10.60 27.54
N MET C 148 11.48 9.91 26.48
CA MET C 148 10.92 10.20 25.18
C MET C 148 9.41 9.98 25.21
N GLY C 149 8.98 8.88 25.81
CA GLY C 149 7.57 8.61 25.94
C GLY C 149 6.87 9.59 26.86
N ASN C 150 7.55 10.02 27.93
CA ASN C 150 6.96 11.01 28.82
C ASN C 150 6.67 12.28 28.06
N ASN C 151 7.56 12.65 27.11
CA ASN C 151 7.35 13.86 26.33
C ASN C 151 6.32 13.68 25.24
N ALA C 152 6.22 12.49 24.65
CA ALA C 152 5.14 12.23 23.72
C ALA C 152 3.80 12.30 24.44
N ILE C 153 3.68 11.63 25.58
CA ILE C 153 2.41 11.64 26.32
C ILE C 153 2.05 13.08 26.71
N LYS C 154 3.03 13.84 27.19
CA LYS C 154 2.75 15.20 27.63
C LYS C 154 2.20 16.05 26.49
N ALA C 155 2.76 15.90 25.29
CA ALA C 155 2.26 16.62 24.13
C ALA C 155 0.86 16.14 23.73
N LEU C 156 0.57 14.86 23.91
CA LEU C 156 -0.79 14.40 23.64
C LEU C 156 -1.78 14.90 24.70
N VAL C 157 -1.34 15.08 25.94
CA VAL C 157 -2.24 15.66 26.94
C VAL C 157 -2.50 17.13 26.66
N ASP C 158 -1.42 17.91 26.44
CA ASP C 158 -1.56 19.34 26.21
C ASP C 158 -2.34 19.68 24.94
N SER C 159 -2.50 18.75 24.00
CA SER C 159 -3.28 19.01 22.79
C SER C 159 -4.62 18.31 22.82
N GLY C 160 -5.00 17.68 23.93
CA GLY C 160 -6.35 17.21 24.13
C GLY C 160 -6.61 15.76 23.77
N TYR C 161 -5.59 15.02 23.30
CA TYR C 161 -5.81 13.65 22.90
C TYR C 161 -6.00 12.73 24.08
N LEU C 162 -5.35 13.03 25.23
CA LEU C 162 -5.41 12.21 26.43
C LEU C 162 -5.79 13.08 27.61
N SER C 163 -6.62 12.54 28.50
CA SER C 163 -7.05 13.28 29.67
C SER C 163 -5.86 13.78 30.50
N ASP C 164 -4.86 12.94 30.68
CA ASP C 164 -3.79 13.20 31.65
C ASP C 164 -2.78 12.07 31.47
N SER C 165 -1.54 12.32 31.90
CA SER C 165 -0.48 11.32 31.70
C SER C 165 -0.75 10.03 32.44
N ARG C 166 -1.44 10.09 33.58
CA ARG C 166 -1.64 8.89 34.38
C ARG C 166 -2.71 7.98 33.77
N THR C 167 -3.96 8.42 33.77
CA THR C 167 -5.03 7.55 33.32
C THR C 167 -5.10 7.43 31.80
N LYS C 168 -4.59 8.44 31.08
CA LYS C 168 -4.52 8.40 29.63
C LYS C 168 -5.87 8.02 28.99
N LYS C 169 -6.93 8.71 29.41
CA LYS C 169 -8.24 8.47 28.80
C LYS C 169 -8.29 9.17 27.45
N ILE C 170 -8.63 8.41 26.41
CA ILE C 170 -8.64 8.94 25.05
C ILE C 170 -9.86 9.83 24.89
N GLN C 171 -9.61 11.08 24.48
CA GLN C 171 -10.60 12.12 24.24
C GLN C 171 -10.62 12.53 22.78
N PRO C 172 -11.74 13.04 22.29
CA PRO C 172 -11.78 13.51 20.90
C PRO C 172 -11.13 14.88 20.78
N VAL C 173 -10.41 15.10 19.69
CA VAL C 173 -9.98 16.44 19.33
C VAL C 173 -10.42 16.70 17.90
N TYR C 174 -10.92 17.90 17.67
CA TYR C 174 -11.39 18.30 16.36
C TYR C 174 -10.32 19.18 15.74
N LEU C 175 -9.82 18.78 14.57
CA LEU C 175 -8.73 19.47 13.92
C LEU C 175 -9.21 20.80 13.37
N MET C 176 -8.54 21.87 13.74
CA MET C 176 -9.08 23.16 13.35
C MET C 176 -8.79 23.48 11.88
N PRO C 177 -9.64 24.29 11.24
CA PRO C 177 -9.44 24.60 9.82
C PRO C 177 -8.11 25.26 9.52
N GLU C 178 -7.60 26.12 10.39
CA GLU C 178 -6.29 26.70 10.15
C GLU C 178 -5.21 25.64 10.07
N VAL C 179 -5.38 24.54 10.81
CA VAL C 179 -4.33 23.52 10.85
C VAL C 179 -4.47 22.56 9.69
N LYS C 180 -5.70 22.13 9.38
CA LYS C 180 -5.90 21.38 8.16
C LYS C 180 -5.41 22.16 6.95
N ASP C 181 -5.61 23.47 6.94
CA ASP C 181 -5.15 24.27 5.80
C ASP C 181 -3.63 24.25 5.68
N TRP C 182 -2.93 24.39 6.81
CA TRP C 182 -1.48 24.29 6.77
C TRP C 182 -1.04 22.88 6.41
N LEU C 183 -1.72 21.85 6.92
CA LEU C 183 -1.39 20.50 6.51
C LEU C 183 -1.54 20.34 5.00
N VAL C 184 -2.52 21.00 4.40
CA VAL C 184 -2.68 20.91 2.95
C VAL C 184 -1.56 21.66 2.24
N ARG C 185 -1.23 22.86 2.73
CA ARG C 185 -0.23 23.69 2.04
C ARG C 185 1.13 23.05 2.12
N LEU C 186 1.43 22.34 3.19
CA LEU C 186 2.73 21.74 3.35
C LEU C 186 2.86 20.43 2.59
N GLY C 187 1.83 20.03 1.86
CA GLY C 187 1.85 18.72 1.24
C GLY C 187 1.92 17.59 2.24
N ARG C 188 1.33 17.78 3.42
CA ARG C 188 1.36 16.78 4.48
C ARG C 188 -0.06 16.44 4.92
N GLU C 189 -0.98 16.39 3.95
CA GLU C 189 -2.34 15.98 4.23
C GLU C 189 -2.45 14.60 4.88
N ASP C 190 -1.39 13.79 4.83
CA ASP C 190 -1.40 12.49 5.53
C ASP C 190 -1.62 12.66 7.03
N LEU C 191 -1.19 13.79 7.59
CA LEU C 191 -1.31 14.03 9.02
C LEU C 191 -2.72 14.41 9.45
N ILE C 192 -3.58 14.84 8.51
CA ILE C 192 -4.97 15.13 8.86
C ILE C 192 -5.59 13.95 9.59
N GLU C 193 -5.35 12.74 9.09
CA GLU C 193 -6.07 11.60 9.61
C GLU C 193 -5.48 11.22 10.96
N VAL C 194 -4.18 11.43 11.11
CA VAL C 194 -3.53 11.21 12.40
C VAL C 194 -4.09 12.15 13.46
N MET C 195 -4.12 13.45 13.16
CA MET C 195 -4.58 14.42 14.13
C MET C 195 -6.07 14.32 14.44
N GLU C 196 -6.83 13.56 13.65
CA GLU C 196 -8.21 13.21 13.97
C GLU C 196 -8.38 11.73 14.32
N CYS C 197 -7.30 11.06 14.75
CA CYS C 197 -7.38 9.62 15.03
C CYS C 197 -8.31 9.26 16.18
N THR C 198 -8.66 10.21 17.06
CA THR C 198 -9.56 9.92 18.17
C THR C 198 -11.01 10.28 17.86
N ILE C 199 -11.37 10.45 16.60
CA ILE C 199 -12.75 10.78 16.25
C ILE C 199 -13.50 9.53 15.79
#